data_2IBI
#
_entry.id   2IBI
#
_cell.length_a   102.839
_cell.length_b   54.400
_cell.length_c   75.021
_cell.angle_alpha   90.00
_cell.angle_beta   107.66
_cell.angle_gamma   90.00
#
_symmetry.space_group_name_H-M   'C 1 2 1'
#
loop_
_entity.id
_entity.type
_entity.pdbx_description
1 polymer 'Ubiquitin carboxyl-terminal hydrolase 2'
2 polymer Ubiquitin
3 non-polymer 'ZINC ION'
4 non-polymer ETHANAMINE
5 water water
#
loop_
_entity_poly.entity_id
_entity_poly.type
_entity_poly.pdbx_seq_one_letter_code
_entity_poly.pdbx_strand_id
1 'polypeptide(L)'
;MGSSHHHHHHSSGLVPRGSSSPGRDGMNSKSAQGLAGLRNLGNTCFMNSILQCLSNTRELRDYCLQRLYMRDLHHGSNAH
TALVEEFAKLIQTIWTSSPNDVVSPSEFKTQIQRYAPRFVGYNQQDAQEFLRFLLDGLHNEVNRVTLRPKSNPENLDHLP
DDEKGRQMWRKYLEREDSRIGDLFVGQLKSSLTCTDCGYCSTVFDPFWDLSLPIAKRGYPEVTLMDCMRLFTKEDVLDGD
AAPTCCRCRGRKRCIKKFSIQRFPKILVLHLKRFSESRIRTSKLTTFVNFPLRDLDLREFASENTNHAVYNLYAVSNHSG
TTMGGHYTAYCRSPGTGEWHTFNDSSVTPMSSSQVRTSDAYLLFYELASPPSRM
;
A
2 'polypeptide(L)' MQIFVKTLTGKTITLEVEPSDTIENVKAKIQDKEGIPPDQQRLIFAGKQLEDGRTLSDYNIQKESTLHLVLRLRG B
#
loop_
_chem_comp.id
_chem_comp.type
_chem_comp.name
_chem_comp.formula
NEH non-polymer ETHANAMINE 'C2 H7 N'
ZN non-polymer 'ZINC ION' 'Zn 2'
#
# COMPACT_ATOMS: atom_id res chain seq x y z
N ALA A 32 7.59 -20.48 22.40
CA ALA A 32 7.05 -21.03 21.12
C ALA A 32 7.90 -20.63 19.90
N GLN A 33 7.26 -20.42 18.75
CA GLN A 33 7.97 -20.18 17.50
C GLN A 33 7.74 -18.84 16.80
N GLY A 34 8.75 -18.44 16.01
CA GLY A 34 8.74 -17.20 15.26
C GLY A 34 8.91 -15.97 16.14
N LEU A 35 9.36 -16.18 17.38
CA LEU A 35 9.55 -15.08 18.29
C LEU A 35 11.02 -14.75 18.37
N ALA A 36 11.68 -14.68 17.22
CA ALA A 36 13.07 -14.17 17.12
C ALA A 36 13.09 -12.68 16.81
N GLY A 37 13.98 -11.94 17.45
CA GLY A 37 14.16 -10.52 17.11
C GLY A 37 15.14 -10.28 15.97
N LEU A 38 15.19 -9.04 15.50
CA LEU A 38 16.06 -8.65 14.39
C LEU A 38 17.03 -7.56 14.78
N ARG A 39 18.31 -7.78 14.47
CA ARG A 39 19.33 -6.81 14.82
C ARG A 39 19.14 -5.49 14.05
N ASN A 40 19.11 -4.40 14.82
CA ASN A 40 19.30 -3.04 14.32
C ASN A 40 20.67 -2.98 13.68
N LEU A 41 20.70 -2.55 12.41
CA LEU A 41 21.92 -2.53 11.62
C LEU A 41 22.33 -1.11 11.41
N GLY A 42 21.61 -0.19 12.06
CA GLY A 42 21.83 1.27 11.87
C GLY A 42 20.57 1.92 11.29
N ASN A 43 19.68 2.34 12.19
CA ASN A 43 18.34 2.85 11.84
C ASN A 43 17.47 1.92 10.97
N THR A 44 17.47 0.61 11.23
CA THR A 44 16.79 -0.32 10.33
C THR A 44 15.50 -0.87 10.95
N CYS A 45 15.07 -0.25 12.04
CA CYS A 45 13.81 -0.53 12.68
C CYS A 45 12.63 -0.52 11.67
N PHE A 46 12.62 0.43 10.72
CA PHE A 46 11.57 0.50 9.69
C PHE A 46 11.51 -0.79 8.89
N MET A 47 12.67 -1.41 8.78
CA MET A 47 12.83 -2.53 7.93
C MET A 47 12.42 -3.78 8.73
N ASN A 48 12.91 -3.85 9.97
CA ASN A 48 12.53 -4.89 10.92
C ASN A 48 11.05 -4.96 11.24
N SER A 49 10.43 -3.81 11.45
CA SER A 49 8.99 -3.77 11.72
C SER A 49 8.21 -4.49 10.59
N ILE A 50 8.53 -4.13 9.34
CA ILE A 50 7.91 -4.74 8.17
C ILE A 50 8.26 -6.23 8.09
N LEU A 51 9.53 -6.55 8.33
CA LEU A 51 9.93 -7.96 8.28
C LEU A 51 9.13 -8.85 9.21
N GLN A 52 8.71 -8.31 10.36
CA GLN A 52 7.96 -9.09 11.36
C GLN A 52 6.49 -9.19 11.02
N CYS A 53 5.95 -8.11 10.44
CA CYS A 53 4.56 -8.15 9.94
C CYS A 53 4.43 -9.17 8.84
N LEU A 54 5.44 -9.27 7.98
CA LEU A 54 5.48 -10.25 6.90
C LEU A 54 5.82 -11.66 7.39
N SER A 55 6.74 -11.75 8.35
CA SER A 55 7.04 -13.02 9.03
C SER A 55 5.77 -13.65 9.57
N ASN A 56 4.89 -12.82 10.11
CA ASN A 56 3.63 -13.29 10.69
C ASN A 56 2.43 -13.26 9.75
N THR A 57 2.69 -13.01 8.47
CA THR A 57 1.70 -13.14 7.41
C THR A 57 1.66 -14.61 6.99
N ARG A 58 0.73 -15.34 7.57
CA ARG A 58 0.67 -16.82 7.52
C ARG A 58 1.04 -17.42 6.16
N GLU A 59 0.19 -17.13 5.17
CA GLU A 59 0.35 -17.68 3.83
C GLU A 59 1.65 -17.29 3.17
N LEU A 60 2.18 -16.11 3.50
CA LEU A 60 3.50 -15.68 3.01
C LEU A 60 4.66 -16.39 3.72
N ARG A 61 4.57 -16.49 5.03
CA ARG A 61 5.47 -17.34 5.82
C ARG A 61 5.54 -18.78 5.25
N ASP A 62 4.37 -19.40 5.05
CA ASP A 62 4.30 -20.81 4.62
C ASP A 62 4.89 -20.98 3.25
N TYR A 63 4.70 -19.97 2.42
CA TYR A 63 5.29 -19.94 1.09
C TYR A 63 6.82 -20.10 1.21
N CYS A 64 7.41 -19.32 2.13
CA CYS A 64 8.85 -19.42 2.46
C CYS A 64 9.29 -20.71 3.17
N LEU A 65 8.52 -21.17 4.16
CA LEU A 65 8.92 -22.37 4.92
C LEU A 65 8.82 -23.61 4.05
N GLN A 66 7.78 -23.66 3.22
CA GLN A 66 7.52 -24.80 2.36
C GLN A 66 8.35 -24.80 1.10
N ARG A 67 9.19 -23.78 0.94
CA ARG A 67 10.13 -23.61 -0.18
C ARG A 67 9.50 -23.56 -1.58
N LEU A 68 8.26 -23.09 -1.64
CA LEU A 68 7.48 -23.02 -2.88
C LEU A 68 7.94 -21.94 -3.86
N TYR A 69 8.64 -20.92 -3.35
CA TYR A 69 9.23 -19.89 -4.21
C TYR A 69 10.24 -20.42 -5.26
N MET A 70 10.82 -21.58 -4.95
CA MET A 70 11.87 -22.18 -5.79
C MET A 70 11.36 -22.51 -7.20
N ARG A 71 10.15 -23.09 -7.27
CA ARG A 71 9.40 -23.27 -8.52
C ARG A 71 9.20 -22.00 -9.36
N ASP A 72 8.92 -20.88 -8.69
CA ASP A 72 8.45 -19.66 -9.34
C ASP A 72 9.59 -18.76 -9.79
N LEU A 73 10.78 -19.09 -9.33
CA LEU A 73 11.96 -18.32 -9.61
C LEU A 73 12.33 -18.40 -11.08
N HIS A 74 12.77 -17.28 -11.64
CA HIS A 74 13.18 -17.22 -13.03
C HIS A 74 14.58 -17.82 -13.30
N HIS A 75 14.66 -18.69 -14.32
CA HIS A 75 15.92 -19.14 -14.93
C HIS A 75 16.74 -17.99 -15.49
N GLY A 76 18.03 -18.23 -15.68
CA GLY A 76 18.90 -17.23 -16.29
C GLY A 76 19.49 -16.33 -15.23
N SER A 77 20.68 -15.79 -15.54
CA SER A 77 21.41 -14.94 -14.59
C SER A 77 20.73 -13.60 -14.34
N ASN A 78 20.24 -13.44 -13.12
CA ASN A 78 19.50 -12.25 -12.70
C ASN A 78 20.24 -11.51 -11.58
N ALA A 79 19.88 -10.24 -11.40
CA ALA A 79 20.50 -9.41 -10.39
C ALA A 79 19.81 -9.58 -9.05
N HIS A 80 18.53 -9.97 -9.08
CA HIS A 80 17.70 -9.97 -7.86
C HIS A 80 17.10 -11.31 -7.47
N THR A 81 17.60 -12.38 -8.05
CA THR A 81 17.24 -13.73 -7.61
C THR A 81 17.51 -13.85 -6.09
N ALA A 82 18.59 -13.17 -5.66
CA ALA A 82 19.06 -13.23 -4.28
C ALA A 82 18.09 -12.57 -3.27
N LEU A 83 17.30 -11.60 -3.74
CA LEU A 83 16.29 -10.93 -2.89
C LEU A 83 15.26 -11.91 -2.30
N VAL A 84 14.63 -12.71 -3.17
CA VAL A 84 13.62 -13.68 -2.75
C VAL A 84 14.22 -14.81 -1.89
N GLU A 85 15.43 -15.23 -2.23
CA GLU A 85 16.11 -16.29 -1.50
C GLU A 85 16.58 -15.82 -0.13
N GLU A 86 17.10 -14.60 -0.05
CA GLU A 86 17.52 -14.00 1.22
C GLU A 86 16.36 -13.64 2.15
N PHE A 87 15.27 -13.16 1.57
CA PHE A 87 14.04 -12.92 2.33
C PHE A 87 13.53 -14.24 2.92
N ALA A 88 13.41 -15.26 2.06
CA ALA A 88 12.89 -16.55 2.43
C ALA A 88 13.74 -17.20 3.53
N LYS A 89 15.05 -16.96 3.47
CA LYS A 89 15.98 -17.57 4.41
C LYS A 89 15.90 -16.92 5.80
N LEU A 90 15.75 -15.58 5.83
CA LEU A 90 15.38 -14.83 7.03
C LEU A 90 14.14 -15.35 7.73
N ILE A 91 13.06 -15.53 6.96
CA ILE A 91 11.78 -16.03 7.50
C ILE A 91 11.98 -17.43 8.05
N GLN A 92 12.68 -18.27 7.28
CA GLN A 92 13.03 -19.62 7.72
C GLN A 92 13.82 -19.63 9.03
N THR A 93 14.82 -18.77 9.12
CA THR A 93 15.62 -18.63 10.35
C THR A 93 14.77 -18.18 11.52
N ILE A 94 13.92 -17.18 11.30
CA ILE A 94 13.04 -16.68 12.35
C ILE A 94 12.19 -17.80 12.90
N TRP A 95 11.63 -18.61 12.00
CA TRP A 95 10.64 -19.63 12.37
C TRP A 95 11.25 -20.99 12.81
N THR A 96 12.59 -21.08 12.81
CA THR A 96 13.29 -22.25 13.35
C THR A 96 14.21 -21.94 14.54
N SER A 97 14.12 -20.72 15.05
CA SER A 97 15.03 -20.24 16.08
C SER A 97 14.45 -20.46 17.49
N SER A 98 15.27 -20.29 18.52
CA SER A 98 14.79 -20.38 19.89
C SER A 98 14.27 -19.03 20.34
N PRO A 99 13.33 -19.03 21.32
CA PRO A 99 12.40 -17.95 21.67
C PRO A 99 12.96 -16.56 21.91
N ASN A 100 14.25 -16.42 22.21
CA ASN A 100 14.82 -15.08 22.32
C ASN A 100 16.13 -14.91 21.55
N ASP A 101 16.31 -15.75 20.52
CA ASP A 101 17.41 -15.54 19.57
C ASP A 101 17.22 -14.19 18.85
N VAL A 102 18.34 -13.64 18.43
CA VAL A 102 18.39 -12.43 17.64
C VAL A 102 18.96 -12.77 16.28
N VAL A 103 18.18 -12.51 15.23
CA VAL A 103 18.59 -12.78 13.86
C VAL A 103 19.15 -11.50 13.22
N SER A 104 20.19 -11.66 12.40
CA SER A 104 20.80 -10.51 11.73
C SER A 104 20.36 -10.45 10.25
N PRO A 105 19.53 -9.46 9.87
CA PRO A 105 19.03 -9.40 8.47
C PRO A 105 20.01 -8.73 7.49
N SER A 106 21.29 -8.72 7.82
CA SER A 106 22.27 -7.90 7.08
C SER A 106 22.41 -8.26 5.61
N GLU A 107 22.31 -9.56 5.32
CA GLU A 107 22.48 -10.08 3.98
C GLU A 107 21.24 -9.79 3.14
N PHE A 108 20.08 -9.75 3.80
CA PHE A 108 18.85 -9.36 3.14
C PHE A 108 18.88 -7.85 2.83
N LYS A 109 19.38 -7.06 3.75
CA LYS A 109 19.48 -5.64 3.55
C LYS A 109 20.31 -5.32 2.29
N THR A 110 21.45 -5.99 2.15
CA THR A 110 22.28 -5.85 0.97
C THR A 110 21.51 -6.13 -0.32
N GLN A 111 20.66 -7.14 -0.29
CA GLN A 111 19.82 -7.44 -1.42
C GLN A 111 18.73 -6.38 -1.69
N ILE A 112 18.03 -5.91 -0.67
CA ILE A 112 16.97 -4.91 -0.93
C ILE A 112 17.57 -3.57 -1.37
N GLN A 113 18.77 -3.27 -0.93
CA GLN A 113 19.33 -1.98 -1.27
C GLN A 113 19.88 -1.96 -2.69
N ARG A 114 20.20 -3.15 -3.21
CA ARG A 114 20.56 -3.33 -4.62
C ARG A 114 19.31 -3.12 -5.46
N TYR A 115 18.20 -3.69 -5.00
CA TYR A 115 16.97 -3.58 -5.70
C TYR A 115 16.47 -2.14 -5.62
N ALA A 116 16.43 -1.60 -4.42
CA ALA A 116 15.98 -0.24 -4.20
C ALA A 116 17.13 0.59 -3.61
N PRO A 117 17.98 1.17 -4.49
CA PRO A 117 19.14 1.97 -4.01
C PRO A 117 18.85 2.98 -2.91
N ARG A 118 17.62 3.48 -2.82
CA ARG A 118 17.30 4.48 -1.80
C ARG A 118 17.54 3.97 -0.37
N PHE A 119 17.69 2.65 -0.22
CA PHE A 119 17.85 2.06 1.11
C PHE A 119 19.30 1.75 1.42
N VAL A 120 20.18 2.14 0.50
CA VAL A 120 21.60 2.17 0.77
C VAL A 120 21.92 3.04 1.99
N GLY A 121 22.83 2.54 2.82
CA GLY A 121 23.29 3.29 3.98
C GLY A 121 22.36 3.11 5.17
N TYR A 122 22.44 4.07 6.11
CA TYR A 122 21.81 3.94 7.43
C TYR A 122 21.05 5.15 7.91
N ASN A 123 20.23 5.67 7.03
CA ASN A 123 19.25 6.70 7.35
C ASN A 123 17.87 6.12 7.70
N GLN A 124 17.12 6.85 8.50
CA GLN A 124 15.80 6.46 8.90
C GLN A 124 14.85 6.61 7.71
N GLN A 125 13.92 5.67 7.58
CA GLN A 125 13.02 5.70 6.43
C GLN A 125 11.60 5.42 6.82
N ASP A 126 10.69 5.64 5.88
CA ASP A 126 9.29 5.29 6.06
C ASP A 126 9.07 3.79 5.78
N ALA A 127 8.25 3.15 6.62
CA ALA A 127 8.08 1.70 6.57
C ALA A 127 7.08 1.25 5.50
N GLN A 128 6.15 2.13 5.14
CA GLN A 128 5.23 1.89 4.00
C GLN A 128 5.96 1.98 2.65
N GLU A 129 6.80 2.99 2.47
CA GLU A 129 7.69 3.09 1.30
C GLU A 129 8.52 1.82 1.20
N PHE A 130 9.14 1.42 2.31
CA PHE A 130 9.86 0.16 2.35
C PHE A 130 8.99 -1.07 1.92
N LEU A 131 7.79 -1.18 2.50
CA LEU A 131 6.95 -2.33 2.22
C LEU A 131 6.66 -2.40 0.72
N ARG A 132 6.40 -1.23 0.12
CA ARG A 132 6.06 -1.15 -1.32
C ARG A 132 7.22 -1.59 -2.19
N PHE A 133 8.41 -1.06 -1.92
CA PHE A 133 9.59 -1.45 -2.69
C PHE A 133 9.92 -2.94 -2.53
N LEU A 134 9.84 -3.46 -1.30
CA LEU A 134 10.12 -4.86 -1.04
C LEU A 134 9.12 -5.82 -1.70
N LEU A 135 7.83 -5.58 -1.52
CA LEU A 135 6.88 -6.49 -2.12
C LEU A 135 6.99 -6.45 -3.63
N ASP A 136 7.24 -5.27 -4.17
CA ASP A 136 7.48 -5.09 -5.61
C ASP A 136 8.64 -5.96 -6.09
N GLY A 137 9.75 -5.93 -5.35
CA GLY A 137 10.93 -6.73 -5.66
C GLY A 137 10.71 -8.23 -5.59
N LEU A 138 9.99 -8.65 -4.56
CA LEU A 138 9.72 -10.07 -4.34
C LEU A 138 8.74 -10.58 -5.41
N HIS A 139 7.72 -9.76 -5.68
CA HIS A 139 6.73 -10.08 -6.70
C HIS A 139 7.33 -10.20 -8.09
N ASN A 140 8.17 -9.23 -8.48
CA ASN A 140 8.80 -9.25 -9.78
C ASN A 140 9.63 -10.54 -9.98
N GLU A 141 10.21 -11.08 -8.92
CA GLU A 141 11.09 -12.25 -9.07
C GLU A 141 10.41 -13.62 -9.10
N VAL A 142 9.15 -13.72 -8.67
CA VAL A 142 8.41 -14.98 -8.73
C VAL A 142 7.16 -14.87 -9.60
N ASN A 143 7.12 -13.81 -10.41
CA ASN A 143 5.99 -13.53 -11.28
C ASN A 143 5.85 -14.66 -12.29
N ARG A 144 4.68 -15.29 -12.29
CA ARG A 144 4.37 -16.38 -13.24
C ARG A 144 4.40 -15.91 -14.70
N VAL A 145 4.35 -14.59 -14.89
CA VAL A 145 4.48 -14.00 -16.21
C VAL A 145 5.94 -13.67 -16.44
N THR A 146 6.55 -14.35 -17.41
CA THR A 146 8.00 -14.25 -17.64
C THR A 146 8.37 -13.25 -18.73
N LEU A 147 7.49 -13.11 -19.72
CA LEU A 147 7.53 -12.00 -20.67
C LEU A 147 6.15 -11.32 -20.69
N ARG A 148 6.11 -10.06 -20.24
CA ARG A 148 4.85 -9.31 -20.10
C ARG A 148 4.29 -8.90 -21.46
N PRO A 149 3.00 -9.22 -21.72
CA PRO A 149 2.35 -8.91 -23.00
C PRO A 149 2.07 -7.42 -23.15
N LYS A 150 2.19 -6.93 -24.38
CA LYS A 150 1.90 -5.52 -24.68
C LYS A 150 0.50 -5.36 -25.28
N ASN A 152 -3.20 -3.93 -25.37
CA ASN A 152 -4.21 -3.01 -25.89
C ASN A 152 -5.25 -2.62 -24.83
N PRO A 153 -5.52 -1.29 -24.71
CA PRO A 153 -6.58 -0.75 -23.84
C PRO A 153 -7.87 -0.40 -24.61
N GLU A 154 -8.65 -1.41 -24.98
CA GLU A 154 -9.84 -1.24 -25.83
C GLU A 154 -11.05 -0.66 -25.08
N ASN A 155 -12.12 -0.36 -25.81
CA ASN A 155 -13.35 0.21 -25.23
C ASN A 155 -14.41 -0.83 -24.85
N LEU A 156 -14.80 -0.81 -23.58
CA LEU A 156 -15.67 -1.85 -23.02
C LEU A 156 -17.06 -1.33 -22.61
N ASP A 157 -17.52 -0.29 -23.31
CA ASP A 157 -18.77 0.41 -23.03
C ASP A 157 -20.03 -0.44 -23.26
N HIS A 158 -19.87 -1.52 -24.03
CA HIS A 158 -20.97 -2.42 -24.28
C HIS A 158 -21.17 -3.33 -23.11
N LEU A 159 -20.28 -3.27 -22.13
CA LEU A 159 -20.29 -4.25 -21.03
C LEU A 159 -20.82 -3.68 -19.73
N PRO A 160 -21.61 -4.48 -18.98
CA PRO A 160 -21.91 -4.17 -17.58
C PRO A 160 -20.56 -3.94 -16.89
N ASP A 161 -20.44 -2.89 -16.08
CA ASP A 161 -19.11 -2.59 -15.55
C ASP A 161 -18.56 -3.56 -14.48
N ASP A 162 -19.39 -4.49 -13.98
CA ASP A 162 -18.84 -5.66 -13.26
C ASP A 162 -18.18 -6.65 -14.22
N GLU A 163 -18.69 -6.74 -15.44
CA GLU A 163 -18.02 -7.53 -16.47
C GLU A 163 -16.74 -6.86 -16.93
N LYS A 164 -16.77 -5.55 -17.11
CA LYS A 164 -15.53 -4.84 -17.42
C LYS A 164 -14.50 -4.81 -16.25
N GLY A 165 -14.97 -4.76 -15.00
CA GLY A 165 -14.09 -4.98 -13.86
C GLY A 165 -13.30 -6.27 -14.07
N ARG A 166 -14.01 -7.36 -14.39
CA ARG A 166 -13.39 -8.69 -14.60
C ARG A 166 -12.41 -8.73 -15.76
N GLN A 167 -12.79 -8.06 -16.85
CA GLN A 167 -11.90 -7.91 -17.99
C GLN A 167 -10.64 -7.13 -17.63
N MET A 168 -10.80 -6.04 -16.90
CA MET A 168 -9.66 -5.25 -16.43
C MET A 168 -8.75 -6.07 -15.51
N TRP A 169 -9.37 -6.77 -14.58
CA TRP A 169 -8.68 -7.70 -13.69
C TRP A 169 -7.83 -8.73 -14.45
N ARG A 170 -8.44 -9.51 -15.34
CA ARG A 170 -7.67 -10.42 -16.21
C ARG A 170 -6.61 -9.75 -17.10
N LYS A 171 -6.84 -8.52 -17.54
CA LYS A 171 -5.77 -7.77 -18.22
C LYS A 171 -4.58 -7.46 -17.29
N TYR A 172 -4.89 -7.02 -16.06
CA TYR A 172 -3.86 -6.84 -15.01
C TYR A 172 -3.10 -8.15 -14.72
N LEU A 173 -3.85 -9.24 -14.61
CA LEU A 173 -3.31 -10.56 -14.24
C LEU A 173 -2.41 -11.20 -15.26
N GLU A 174 -2.53 -10.77 -16.53
CA GLU A 174 -1.63 -11.26 -17.57
C GLU A 174 -0.32 -10.46 -17.64
N ARG A 175 -0.22 -9.38 -16.86
CA ARG A 175 1.09 -8.73 -16.66
C ARG A 175 1.70 -9.00 -15.28
N GLU A 176 0.87 -9.02 -14.24
CA GLU A 176 1.32 -9.27 -12.86
C GLU A 176 0.58 -10.45 -12.25
N ASP A 177 1.31 -11.53 -12.00
CA ASP A 177 0.73 -12.78 -11.54
C ASP A 177 1.72 -13.62 -10.73
N SER A 178 1.75 -13.38 -9.42
CA SER A 178 2.61 -14.15 -8.52
C SER A 178 1.87 -14.51 -7.24
N ARG A 179 2.51 -15.36 -6.45
CA ARG A 179 2.03 -15.74 -5.12
C ARG A 179 1.94 -14.53 -4.16
N ILE A 180 2.79 -13.54 -4.36
CA ILE A 180 2.73 -12.33 -3.54
C ILE A 180 1.44 -11.61 -3.86
N GLY A 181 1.15 -11.50 -5.16
CA GLY A 181 -0.05 -10.82 -5.64
C GLY A 181 -1.29 -11.55 -5.15
N ASP A 182 -1.29 -12.90 -5.25
CA ASP A 182 -2.35 -13.74 -4.68
C ASP A 182 -2.76 -13.21 -3.30
N LEU A 183 -1.79 -12.79 -2.49
CA LEU A 183 -2.09 -12.39 -1.13
C LEU A 183 -2.56 -10.93 -0.99
N PHE A 184 -1.85 -9.99 -1.61
CA PHE A 184 -2.04 -8.55 -1.32
C PHE A 184 -2.96 -7.72 -2.25
N VAL A 185 -3.21 -8.20 -3.46
CA VAL A 185 -3.83 -7.37 -4.49
C VAL A 185 -5.35 -7.40 -4.45
N GLY A 186 -5.94 -6.20 -4.37
CA GLY A 186 -7.40 -5.99 -4.50
C GLY A 186 -7.65 -5.18 -5.76
N GLN A 187 -8.92 -4.86 -6.02
CA GLN A 187 -9.28 -3.98 -7.14
C GLN A 187 -10.22 -2.85 -6.72
N LEU A 188 -9.82 -1.61 -6.99
CA LEU A 188 -10.72 -0.44 -6.81
C LEU A 188 -11.59 -0.13 -8.03
N LYS A 189 -12.84 0.25 -7.78
CA LYS A 189 -13.69 0.81 -8.83
C LYS A 189 -13.80 2.28 -8.56
N SER A 190 -13.53 3.08 -9.58
CA SER A 190 -13.69 4.52 -9.50
C SER A 190 -14.80 4.92 -10.46
N SER A 191 -15.86 5.48 -9.92
CA SER A 191 -17.02 5.87 -10.69
C SER A 191 -17.11 7.39 -10.73
N LEU A 192 -17.08 7.95 -11.93
CA LEU A 192 -17.01 9.40 -12.08
C LEU A 192 -18.23 9.83 -12.90
N THR A 193 -19.20 10.42 -12.20
CA THR A 193 -20.43 10.85 -12.82
C THR A 193 -20.40 12.31 -13.20
N CYS A 194 -20.57 12.57 -14.50
CA CYS A 194 -20.79 13.93 -14.99
C CYS A 194 -22.15 14.42 -14.52
N THR A 195 -22.19 15.59 -13.89
CA THR A 195 -23.48 16.10 -13.42
C THR A 195 -24.35 16.68 -14.53
N ASP A 196 -23.75 17.00 -15.67
CA ASP A 196 -24.52 17.47 -16.83
C ASP A 196 -25.26 16.37 -17.59
N CYS A 197 -24.53 15.43 -18.19
CA CYS A 197 -25.16 14.38 -19.00
C CYS A 197 -25.49 13.13 -18.20
N GLY A 198 -25.00 13.08 -16.98
CA GLY A 198 -25.24 11.94 -16.11
C GLY A 198 -24.41 10.70 -16.40
N TYR A 199 -23.49 10.76 -17.38
CA TYR A 199 -22.68 9.55 -17.71
C TYR A 199 -21.77 9.17 -16.55
N CYS A 200 -21.68 7.88 -16.26
CA CYS A 200 -20.81 7.40 -15.19
C CYS A 200 -19.62 6.65 -15.83
N SER A 201 -18.46 7.28 -15.80
CA SER A 201 -17.26 6.73 -16.37
C SER A 201 -16.64 5.86 -15.31
N THR A 202 -16.41 4.58 -15.58
CA THR A 202 -15.84 3.71 -14.56
C THR A 202 -14.41 3.27 -14.92
N VAL A 203 -13.51 3.36 -13.95
CA VAL A 203 -12.17 2.75 -14.11
C VAL A 203 -11.89 1.83 -12.95
N PHE A 204 -11.13 0.78 -13.24
CA PHE A 204 -10.74 -0.21 -12.26
C PHE A 204 -9.25 -0.20 -12.02
N ASP A 205 -8.86 0.28 -10.84
CA ASP A 205 -7.45 0.34 -10.40
C ASP A 205 -7.12 -0.79 -9.41
N PRO A 206 -6.13 -1.65 -9.73
CA PRO A 206 -5.54 -2.54 -8.69
C PRO A 206 -4.85 -1.77 -7.54
N PHE A 207 -4.78 -2.39 -6.37
CA PHE A 207 -4.14 -1.80 -5.19
C PHE A 207 -3.55 -2.92 -4.36
N TRP A 208 -2.36 -2.67 -3.80
CA TRP A 208 -1.67 -3.62 -2.90
C TRP A 208 -1.84 -3.22 -1.44
N ASP A 209 -2.33 -2.00 -1.25
CA ASP A 209 -2.70 -1.49 0.06
C ASP A 209 -3.65 -0.34 -0.13
N LEU A 210 -4.27 0.15 0.94
CA LEU A 210 -5.07 1.34 0.86
C LEU A 210 -4.53 2.40 1.80
N SER A 211 -4.31 3.60 1.27
CA SER A 211 -3.80 4.74 2.07
C SER A 211 -4.91 5.68 2.48
N LEU A 212 -5.27 5.65 3.74
CA LEU A 212 -6.43 6.33 4.23
C LEU A 212 -6.17 7.75 4.83
N PRO A 213 -6.93 8.77 4.38
CA PRO A 213 -6.80 10.05 5.07
C PRO A 213 -7.43 9.93 6.46
N ILE A 214 -6.98 10.77 7.38
CA ILE A 214 -7.51 10.67 8.72
C ILE A 214 -8.64 11.69 8.92
N ALA A 215 -9.81 11.20 9.37
CA ALA A 215 -10.89 12.08 9.81
C ALA A 215 -10.41 13.10 10.83
N LYS A 216 -10.88 14.34 10.72
CA LYS A 216 -10.69 15.29 11.81
C LYS A 216 -11.73 15.02 12.89
N ARG A 217 -12.98 14.86 12.46
CA ARG A 217 -14.12 14.62 13.36
C ARG A 217 -13.88 13.45 14.32
N GLY A 218 -13.54 13.76 15.57
CA GLY A 218 -13.46 12.76 16.63
C GLY A 218 -14.76 12.65 17.42
N PRO A 220 -16.74 10.90 19.48
CA PRO A 220 -15.82 10.78 20.63
C PRO A 220 -14.37 10.59 20.20
N GLU A 221 -14.18 9.76 19.18
CA GLU A 221 -12.86 9.40 18.71
C GLU A 221 -12.99 9.03 17.25
N VAL A 222 -11.92 9.27 16.49
CA VAL A 222 -11.95 8.82 15.11
C VAL A 222 -11.71 7.32 15.02
N THR A 223 -12.42 6.67 14.13
CA THR A 223 -12.34 5.23 13.97
C THR A 223 -11.75 4.90 12.61
N LEU A 224 -11.24 3.67 12.46
CA LEU A 224 -10.87 3.15 11.17
C LEU A 224 -12.03 3.29 10.16
N MET A 225 -13.24 2.91 10.55
CA MET A 225 -14.41 3.04 9.64
C MET A 225 -14.59 4.47 9.12
N ASP A 226 -14.38 5.46 9.98
CA ASP A 226 -14.42 6.89 9.59
C ASP A 226 -13.40 7.23 8.51
N CYS A 227 -12.24 6.57 8.55
CA CYS A 227 -11.14 6.87 7.63
C CYS A 227 -11.42 6.21 6.28
N MET A 228 -12.05 5.05 6.33
CA MET A 228 -12.45 4.31 5.14
C MET A 228 -13.58 4.98 4.36
N ARG A 229 -14.51 5.59 5.08
CA ARG A 229 -15.58 6.39 4.49
C ARG A 229 -15.04 7.71 3.91
N LEU A 230 -14.00 8.26 4.51
CA LEU A 230 -13.40 9.47 3.96
C LEU A 230 -12.73 9.18 2.60
N PHE A 231 -11.92 8.11 2.55
CA PHE A 231 -11.40 7.54 1.31
C PHE A 231 -12.48 7.22 0.24
N THR A 232 -13.62 6.64 0.61
CA THR A 232 -14.64 6.23 -0.33
C THR A 232 -15.81 7.22 -0.47
N LYS A 233 -15.66 8.46 0.02
CA LYS A 233 -16.74 9.41 -0.11
C LYS A 233 -16.83 9.95 -1.55
N GLU A 234 -18.00 10.48 -1.91
CA GLU A 234 -18.19 11.24 -3.16
C GLU A 234 -17.35 12.54 -3.16
N ASP A 235 -16.32 12.57 -3.98
CA ASP A 235 -15.55 13.79 -4.16
C ASP A 235 -16.23 14.65 -5.24
N VAL A 236 -16.69 15.84 -4.85
CA VAL A 236 -17.33 16.76 -5.76
C VAL A 236 -16.25 17.55 -6.45
N LEU A 237 -16.09 17.32 -7.75
CA LEU A 237 -15.04 17.94 -8.55
C LEU A 237 -15.59 19.11 -9.40
N ASP A 238 -15.22 20.32 -9.02
CA ASP A 238 -15.71 21.53 -9.64
C ASP A 238 -14.63 22.62 -9.66
N GLY A 239 -14.90 23.73 -10.37
CA GLY A 239 -13.89 24.80 -10.50
C GLY A 239 -12.60 24.30 -11.12
N ASP A 240 -11.47 24.53 -10.45
CA ASP A 240 -10.18 24.06 -11.00
C ASP A 240 -10.00 22.54 -10.93
N ALA A 241 -10.98 21.86 -10.32
CA ALA A 241 -10.96 20.39 -10.18
C ALA A 241 -11.94 19.70 -11.15
N ALA A 242 -12.75 20.50 -11.84
CA ALA A 242 -13.73 20.00 -12.81
C ALA A 242 -13.05 19.18 -13.89
N PRO A 243 -13.33 17.87 -13.94
CA PRO A 243 -12.76 17.07 -15.01
C PRO A 243 -13.53 17.34 -16.30
N THR A 244 -12.94 16.99 -17.42
CA THR A 244 -13.60 17.12 -18.72
C THR A 244 -14.45 15.89 -18.90
N CYS A 245 -15.72 16.07 -19.32
CA CYS A 245 -16.58 14.95 -19.67
C CYS A 245 -16.52 14.76 -21.17
N CYS A 246 -16.17 13.56 -21.59
CA CYS A 246 -15.93 13.29 -23.02
C CYS A 246 -17.21 13.16 -23.85
N ARG A 247 -18.31 12.82 -23.17
CA ARG A 247 -19.61 12.82 -23.81
C ARG A 247 -20.00 14.27 -24.07
N CYS A 248 -19.97 15.09 -23.03
CA CYS A 248 -20.26 16.54 -23.12
C CYS A 248 -19.22 17.39 -23.85
N ARG A 249 -18.00 16.86 -23.96
CA ARG A 249 -16.91 17.53 -24.69
C ARG A 249 -16.58 18.88 -24.03
N GLY A 250 -16.50 18.88 -22.70
CA GLY A 250 -16.27 20.10 -21.91
C GLY A 250 -16.07 19.80 -20.43
N ARG A 251 -15.58 20.80 -19.70
CA ARG A 251 -15.28 20.66 -18.28
C ARG A 251 -16.57 20.81 -17.51
N LYS A 252 -16.85 19.85 -16.65
CA LYS A 252 -18.11 19.81 -15.93
C LYS A 252 -17.83 19.48 -14.48
N ARG A 253 -18.81 19.82 -13.63
CA ARG A 253 -18.88 19.32 -12.29
C ARG A 253 -19.17 17.84 -12.36
N CYS A 254 -18.38 17.05 -11.64
CA CYS A 254 -18.49 15.61 -11.64
C CYS A 254 -18.40 15.15 -10.23
N ILE A 255 -18.91 13.95 -9.96
CA ILE A 255 -18.82 13.31 -8.66
C ILE A 255 -18.00 12.03 -8.82
N LYS A 256 -16.95 11.89 -8.01
CA LYS A 256 -16.07 10.73 -8.05
C LYS A 256 -16.17 9.87 -6.78
N LYS A 257 -16.26 8.56 -6.95
CA LYS A 257 -16.43 7.68 -5.81
C LYS A 257 -15.71 6.35 -5.99
N PHE A 258 -14.96 5.99 -4.96
CA PHE A 258 -14.31 4.70 -4.88
C PHE A 258 -15.24 3.73 -4.20
N SER A 259 -15.19 2.48 -4.68
CA SER A 259 -15.76 1.36 -3.98
C SER A 259 -14.77 0.23 -4.24
N ILE A 260 -14.87 -0.84 -3.45
CA ILE A 260 -13.94 -1.94 -3.61
C ILE A 260 -14.57 -3.02 -4.43
N GLN A 261 -13.97 -3.26 -5.59
CA GLN A 261 -14.48 -4.22 -6.52
C GLN A 261 -14.01 -5.65 -6.20
N ARG A 262 -12.73 -5.79 -5.81
CA ARG A 262 -12.20 -7.07 -5.36
C ARG A 262 -11.41 -6.89 -4.07
N PHE A 263 -11.77 -7.67 -3.05
CA PHE A 263 -11.12 -7.62 -1.75
C PHE A 263 -9.89 -8.55 -1.73
N PRO A 264 -8.76 -8.06 -1.22
CA PRO A 264 -7.56 -8.92 -1.18
C PRO A 264 -7.58 -9.89 0.03
N LYS A 265 -6.83 -10.99 -0.05
CA LYS A 265 -6.69 -11.93 1.07
C LYS A 265 -6.05 -11.24 2.26
N ILE A 266 -5.03 -10.44 1.99
CA ILE A 266 -4.40 -9.61 3.01
C ILE A 266 -4.70 -8.16 2.74
N LEU A 267 -5.36 -7.50 3.68
CA LEU A 267 -5.62 -6.08 3.56
C LEU A 267 -4.69 -5.18 4.40
N VAL A 268 -3.78 -4.49 3.70
CA VAL A 268 -2.83 -3.59 4.31
C VAL A 268 -3.41 -2.16 4.29
N LEU A 269 -3.58 -1.57 5.47
CA LEU A 269 -4.14 -0.22 5.60
C LEU A 269 -3.16 0.79 6.16
N HIS A 270 -3.00 1.87 5.42
CA HIS A 270 -1.96 2.86 5.66
C HIS A 270 -2.59 4.19 6.10
N LEU A 271 -2.28 4.58 7.33
CA LEU A 271 -2.86 5.79 7.87
C LEU A 271 -2.05 7.00 7.44
N LYS A 272 -2.73 7.94 6.79
CA LYS A 272 -2.05 9.11 6.27
C LYS A 272 -1.81 10.13 7.37
N ARG A 273 -0.77 9.89 8.17
CA ARG A 273 -0.49 10.68 9.39
C ARG A 273 0.40 11.89 9.14
N PHE A 274 0.03 12.68 8.13
CA PHE A 274 0.80 13.87 7.72
C PHE A 274 -0.16 14.99 7.47
N SER A 275 0.06 16.11 8.14
CA SER A 275 -0.75 17.31 7.94
C SER A 275 -0.50 17.89 6.52
N GLU A 276 -1.37 18.79 6.06
CA GLU A 276 -1.26 19.26 4.65
C GLU A 276 -0.39 20.51 4.44
N SER A 277 0.11 21.11 5.53
CA SER A 277 0.91 22.35 5.50
C SER A 277 1.68 22.63 4.20
N ARG A 278 1.55 23.86 3.72
CA ARG A 278 2.24 24.32 2.52
C ARG A 278 3.64 24.82 2.86
N ILE A 279 3.93 24.91 4.15
CA ILE A 279 5.25 25.32 4.57
C ILE A 279 5.98 24.14 5.19
N ARG A 280 5.35 23.50 6.15
CA ARG A 280 6.04 22.61 7.07
C ARG A 280 5.08 21.55 7.55
N THR A 281 5.29 20.34 7.05
CA THR A 281 4.43 19.21 7.38
C THR A 281 4.70 18.67 8.80
N SER A 282 3.63 18.41 9.54
CA SER A 282 3.75 17.76 10.85
C SER A 282 2.99 16.46 10.86
N LYS A 283 3.39 15.56 11.76
CA LYS A 283 2.77 14.24 11.88
C LYS A 283 1.48 14.40 12.64
N LEU A 284 0.42 13.74 12.18
CA LEU A 284 -0.84 13.71 12.92
C LEU A 284 -0.77 12.52 13.85
N THR A 285 -0.83 12.79 15.15
CA THR A 285 -0.72 11.73 16.16
C THR A 285 -2.10 11.25 16.62
N THR A 286 -3.13 11.68 15.89
CA THR A 286 -4.52 11.34 16.15
C THR A 286 -4.72 9.84 16.41
N PHE A 287 -5.30 9.51 17.57
CA PHE A 287 -5.71 8.13 17.81
C PHE A 287 -6.80 7.73 16.84
N VAL A 288 -6.52 6.66 16.10
CA VAL A 288 -7.49 6.07 15.19
C VAL A 288 -7.83 4.74 15.79
N ASN A 289 -9.07 4.63 16.25
CA ASN A 289 -9.57 3.40 16.82
C ASN A 289 -9.86 2.39 15.72
N PHE A 290 -9.16 1.27 15.75
CA PHE A 290 -9.36 0.22 14.77
C PHE A 290 -9.68 -1.10 15.54
N PRO A 291 -10.47 -2.02 14.94
CA PRO A 291 -10.78 -3.29 15.65
C PRO A 291 -9.77 -4.45 15.55
N LEU A 292 -9.77 -5.33 16.54
CA LEU A 292 -9.00 -6.55 16.45
C LEU A 292 -9.64 -7.57 15.49
N ARG A 293 -10.97 -7.60 15.50
CA ARG A 293 -11.74 -8.65 14.85
C ARG A 293 -12.93 -8.02 14.18
N ASP A 294 -13.51 -8.76 13.25
CA ASP A 294 -14.76 -8.40 12.59
C ASP A 294 -14.75 -6.99 11.99
N LEU A 295 -13.69 -6.70 11.24
CA LEU A 295 -13.66 -5.50 10.41
C LEU A 295 -14.53 -5.78 9.20
N ASP A 296 -15.74 -5.23 9.25
CA ASP A 296 -16.75 -5.56 8.26
C ASP A 296 -16.77 -4.45 7.25
N LEU A 297 -16.41 -4.78 6.02
CA LEU A 297 -16.22 -3.74 5.00
C LEU A 297 -17.29 -3.74 3.92
N ARG A 298 -18.42 -4.39 4.19
CA ARG A 298 -19.50 -4.55 3.22
C ARG A 298 -20.01 -3.20 2.68
N GLU A 299 -20.03 -2.20 3.55
CA GLU A 299 -20.37 -0.81 3.22
C GLU A 299 -19.63 -0.25 1.99
N PHE A 300 -18.42 -0.75 1.78
CA PHE A 300 -17.47 -0.19 0.86
C PHE A 300 -17.36 -0.99 -0.44
N ALA A 301 -18.00 -2.15 -0.45
CA ALA A 301 -18.03 -3.03 -1.61
C ALA A 301 -18.84 -2.42 -2.74
N SER A 302 -18.46 -2.69 -3.98
CA SER A 302 -19.24 -2.16 -5.07
C SER A 302 -20.54 -2.95 -5.25
N GLU A 303 -20.46 -4.28 -5.16
CA GLU A 303 -21.65 -5.15 -5.01
C GLU A 303 -21.22 -6.58 -4.61
N ASN A 304 -20.95 -6.71 -3.31
CA ASN A 304 -20.25 -7.86 -2.70
C ASN A 304 -21.01 -9.17 -2.64
N THR A 305 -20.25 -10.23 -2.32
CA THR A 305 -20.70 -11.60 -2.39
C THR A 305 -20.70 -12.25 -1.01
N HIS A 307 -19.40 -12.07 1.93
CA HIS A 307 -19.06 -11.45 3.21
C HIS A 307 -17.56 -11.10 3.21
N ALA A 308 -17.22 -9.80 3.17
CA ALA A 308 -15.81 -9.32 3.29
C ALA A 308 -15.46 -8.74 4.66
N VAL A 309 -14.96 -9.61 5.54
CA VAL A 309 -14.69 -9.32 6.96
C VAL A 309 -13.26 -9.77 7.29
N TYR A 310 -12.55 -8.93 8.06
CA TYR A 310 -11.14 -9.16 8.39
C TYR A 310 -10.86 -9.19 9.86
N ASN A 311 -9.82 -9.93 10.23
CA ASN A 311 -9.26 -9.84 11.56
C ASN A 311 -7.86 -9.26 11.49
N LEU A 312 -7.50 -8.47 12.48
CA LEU A 312 -6.16 -7.90 12.53
C LEU A 312 -5.13 -8.96 12.92
N TYR A 313 -3.93 -8.88 12.37
CA TYR A 313 -2.87 -9.76 12.83
C TYR A 313 -1.51 -9.10 12.97
N ALA A 314 -1.35 -7.89 12.43
CA ALA A 314 -0.12 -7.10 12.66
C ALA A 314 -0.34 -5.60 12.52
N VAL A 315 0.51 -4.86 13.21
CA VAL A 315 0.51 -3.40 13.22
C VAL A 315 1.96 -3.00 13.21
N SER A 316 2.32 -2.17 12.25
CA SER A 316 3.58 -1.42 12.35
C SER A 316 3.35 -0.04 13.03
N ASN A 317 4.09 0.20 14.13
CA ASN A 317 3.95 1.44 14.92
C ASN A 317 5.08 2.42 14.67
N HIS A 318 4.74 3.70 14.51
CA HIS A 318 5.73 4.77 14.45
C HIS A 318 5.58 5.69 15.66
N SER A 319 6.71 6.05 16.23
CA SER A 319 6.74 6.99 17.33
C SER A 319 7.84 7.97 17.02
N GLY A 320 7.50 9.25 16.99
CA GLY A 320 8.44 10.32 16.66
C GLY A 320 7.77 11.38 15.79
N THR A 321 8.51 11.92 14.83
CA THR A 321 8.06 12.95 13.91
C THR A 321 8.13 12.42 12.47
N THR A 322 7.80 13.27 11.50
CA THR A 322 8.01 12.88 10.09
C THR A 322 9.51 12.72 9.76
N MET A 323 10.36 13.40 10.49
N MET A 323 10.32 13.38 10.56
CA MET A 323 11.79 13.38 10.17
CA MET A 323 11.74 13.54 10.32
C MET A 323 12.55 12.25 10.83
C MET A 323 12.62 12.51 11.02
N GLY A 324 12.04 11.75 11.95
CA GLY A 324 12.76 10.75 12.73
C GLY A 324 11.95 10.15 13.88
N GLY A 325 12.35 8.96 14.34
CA GLY A 325 11.67 8.28 15.44
C GLY A 325 12.02 6.82 15.44
N HIS A 326 11.08 5.98 15.89
CA HIS A 326 11.32 4.55 16.01
C HIS A 326 10.13 3.68 15.57
N TYR A 327 10.42 2.61 14.84
CA TYR A 327 9.39 1.62 14.53
C TYR A 327 9.40 0.35 15.36
N THR A 328 8.20 -0.13 15.70
CA THR A 328 7.99 -1.45 16.28
C THR A 328 6.88 -2.18 15.53
N ALA A 329 6.70 -3.46 15.84
CA ALA A 329 5.58 -4.20 15.31
C ALA A 329 4.85 -4.89 16.46
N TYR A 330 3.51 -4.88 16.43
CA TYR A 330 2.73 -5.83 17.20
C TYR A 330 2.22 -6.91 16.25
N CYS A 331 2.44 -8.18 16.62
CA CYS A 331 2.05 -9.30 15.71
C CYS A 331 1.37 -10.43 16.43
N ARG A 332 0.33 -10.98 15.82
CA ARG A 332 -0.35 -12.15 16.34
C ARG A 332 0.22 -13.37 15.67
N SER A 333 0.83 -14.24 16.46
CA SER A 333 1.36 -15.50 15.98
C SER A 333 0.28 -16.25 15.19
N PRO A 334 0.58 -16.67 13.94
CA PRO A 334 -0.47 -17.38 13.19
C PRO A 334 -1.09 -18.55 13.96
N GLY A 335 -2.42 -18.59 13.94
CA GLY A 335 -3.22 -19.60 14.62
C GLY A 335 -3.36 -19.45 16.13
N THR A 336 -2.45 -18.69 16.72
CA THR A 336 -2.18 -18.77 18.15
C THR A 336 -2.89 -17.70 18.98
N GLY A 337 -3.33 -16.62 18.36
CA GLY A 337 -4.07 -15.58 19.10
C GLY A 337 -3.21 -14.79 20.07
N GLU A 338 -1.91 -15.11 20.08
CA GLU A 338 -0.93 -14.52 20.99
C GLU A 338 -0.15 -13.38 20.35
N TRP A 339 -0.21 -12.22 21.01
CA TRP A 339 0.42 -11.02 20.52
C TRP A 339 1.76 -10.79 21.16
N HIS A 340 2.71 -10.28 20.37
CA HIS A 340 4.03 -9.91 20.84
C HIS A 340 4.42 -8.57 20.30
N THR A 341 5.27 -7.86 21.06
CA THR A 341 5.82 -6.60 20.63
C THR A 341 7.19 -6.93 20.14
N PHE A 342 7.43 -6.60 18.87
CA PHE A 342 8.72 -6.83 18.21
C PHE A 342 9.44 -5.51 18.04
N ASN A 343 10.51 -5.33 18.78
CA ASN A 343 11.19 -4.07 18.79
C ASN A 343 12.67 -4.31 18.55
N ASP A 344 13.03 -4.39 17.27
CA ASP A 344 14.35 -4.79 16.83
C ASP A 344 14.70 -6.12 17.50
N SER A 345 15.77 -6.17 18.29
CA SER A 345 16.22 -7.47 18.82
C SER A 345 15.33 -8.05 19.95
N SER A 346 14.40 -7.23 20.44
CA SER A 346 13.59 -7.56 21.61
C SER A 346 12.17 -7.96 21.25
N VAL A 347 11.76 -9.12 21.76
CA VAL A 347 10.46 -9.70 21.48
C VAL A 347 9.82 -9.91 22.85
N THR A 348 8.57 -9.47 23.02
CA THR A 348 7.97 -9.40 24.34
C THR A 348 6.48 -9.66 24.24
N PRO A 349 5.94 -10.49 25.14
CA PRO A 349 4.51 -10.79 25.08
C PRO A 349 3.71 -9.53 25.41
N MET A 350 2.54 -9.41 24.80
CA MET A 350 1.68 -8.29 25.15
C MET A 350 0.27 -8.81 25.14
N SER A 351 -0.65 -8.05 25.72
CA SER A 351 -2.06 -8.42 25.59
C SER A 351 -2.68 -7.63 24.45
N SER A 352 -3.76 -8.16 23.89
CA SER A 352 -4.47 -7.47 22.83
C SER A 352 -5.06 -6.09 23.26
N SER A 353 -5.21 -5.88 24.56
CA SER A 353 -5.69 -4.61 25.06
C SER A 353 -4.58 -3.56 24.96
N GLN A 354 -3.37 -3.99 24.61
CA GLN A 354 -2.28 -3.07 24.39
C GLN A 354 -1.95 -2.84 22.90
N VAL A 355 -2.62 -3.53 21.99
CA VAL A 355 -2.27 -3.33 20.55
C VAL A 355 -2.81 -2.07 19.88
N ARG A 356 -3.97 -1.58 20.31
CA ARG A 356 -4.50 -0.32 19.76
C ARG A 356 -3.89 0.90 20.42
N THR A 357 -3.10 1.66 19.66
CA THR A 357 -2.45 2.83 20.15
C THR A 357 -2.45 3.94 19.06
N SER A 358 -2.08 5.15 19.47
CA SER A 358 -1.94 6.28 18.57
C SER A 358 -0.80 6.10 17.58
N ASP A 359 0.11 5.19 17.92
CA ASP A 359 1.32 5.04 17.15
C ASP A 359 1.18 4.16 15.93
N ALA A 360 0.05 3.43 15.87
CA ALA A 360 -0.40 2.63 14.72
C ALA A 360 -0.33 3.39 13.40
N TYR A 361 0.50 2.90 12.48
CA TYR A 361 0.65 3.54 11.21
C TYR A 361 0.23 2.61 10.06
N LEU A 362 0.61 1.34 10.14
CA LEU A 362 0.12 0.36 9.19
C LEU A 362 -0.56 -0.78 9.93
N LEU A 363 -1.69 -1.20 9.38
CA LEU A 363 -2.55 -2.27 9.91
C LEU A 363 -2.61 -3.43 8.92
N PHE A 364 -2.29 -4.63 9.37
CA PHE A 364 -2.40 -5.82 8.53
C PHE A 364 -3.62 -6.65 8.91
N TYR A 365 -4.54 -6.81 7.98
CA TYR A 365 -5.77 -7.53 8.23
C TYR A 365 -5.77 -8.77 7.37
N GLU A 366 -6.33 -9.87 7.86
CA GLU A 366 -6.57 -11.08 7.06
C GLU A 366 -8.05 -11.44 7.06
N LEU A 367 -8.51 -12.00 5.95
CA LEU A 367 -9.84 -12.57 5.87
C LEU A 367 -10.17 -13.46 7.07
N ALA A 368 -11.35 -13.26 7.65
CA ALA A 368 -11.83 -14.10 8.74
C ALA A 368 -12.72 -15.23 8.19
N SER A 369 -12.52 -16.44 8.72
CA SER A 369 -13.32 -17.65 8.39
C SER A 369 -14.41 -17.49 7.30
N MET B 1 -5.49 14.64 -21.31
CA MET B 1 -5.80 13.46 -20.45
C MET B 1 -5.93 13.93 -19.02
N GLN B 2 -6.94 13.45 -18.31
CA GLN B 2 -7.06 13.76 -16.90
C GLN B 2 -6.70 12.56 -16.05
N ILE B 3 -5.96 12.82 -14.97
CA ILE B 3 -5.84 11.85 -13.90
C ILE B 3 -6.20 12.53 -12.60
N PHE B 4 -6.43 11.75 -11.55
CA PHE B 4 -6.74 12.31 -10.26
C PHE B 4 -5.69 11.93 -9.24
N VAL B 5 -5.62 12.74 -8.19
CA VAL B 5 -4.75 12.46 -7.05
C VAL B 5 -5.52 12.56 -5.73
N LYS B 6 -5.61 11.44 -5.02
CA LYS B 6 -6.17 11.43 -3.65
C LYS B 6 -5.11 12.01 -2.70
N THR B 7 -5.36 13.21 -2.20
CA THR B 7 -4.39 13.90 -1.37
C THR B 7 -4.45 13.48 0.10
N LEU B 8 -3.92 14.33 0.97
CA LEU B 8 -3.63 13.94 2.35
C LEU B 8 -4.82 13.91 3.30
N THR B 9 -5.79 14.79 3.08
CA THR B 9 -6.87 14.98 4.05
C THR B 9 -8.22 14.47 3.56
N GLY B 10 -8.25 13.85 2.39
CA GLY B 10 -9.49 13.29 1.82
C GLY B 10 -9.99 13.98 0.56
N LYS B 11 -9.20 14.97 0.10
CA LYS B 11 -9.53 15.76 -1.09
C LYS B 11 -8.86 15.17 -2.32
N THR B 12 -9.58 15.24 -3.44
CA THR B 12 -9.08 14.75 -4.70
C THR B 12 -8.83 15.91 -5.63
N ILE B 13 -7.64 15.95 -6.25
CA ILE B 13 -7.35 16.96 -7.26
C ILE B 13 -7.30 16.32 -8.65
N THR B 14 -7.46 17.16 -9.68
CA THR B 14 -7.47 16.74 -11.09
C THR B 14 -6.24 17.33 -11.81
N LEU B 15 -5.54 16.51 -12.59
CA LEU B 15 -4.36 16.96 -13.29
C LEU B 15 -4.54 16.76 -14.79
N GLU B 16 -4.14 17.76 -15.56
CA GLU B 16 -4.10 17.60 -17.01
C GLU B 16 -2.69 17.15 -17.32
N VAL B 17 -2.57 16.03 -18.03
CA VAL B 17 -1.30 15.39 -18.24
C VAL B 17 -1.30 14.71 -19.59
N GLU B 18 -0.11 14.40 -20.09
CA GLU B 18 0.06 13.57 -21.25
C GLU B 18 0.64 12.24 -20.78
N PRO B 19 0.37 11.16 -21.53
CA PRO B 19 1.05 9.88 -21.23
C PRO B 19 2.56 10.01 -21.11
N SER B 20 3.13 10.97 -21.85
CA SER B 20 4.57 11.17 -21.89
C SER B 20 5.11 12.03 -20.72
N ASP B 21 4.22 12.65 -19.92
CA ASP B 21 4.66 13.37 -18.71
C ASP B 21 5.54 12.49 -17.80
N THR B 22 6.59 13.08 -17.27
CA THR B 22 7.42 12.38 -16.27
C THR B 22 6.81 12.52 -14.87
N ILE B 23 7.17 11.59 -14.00
CA ILE B 23 6.73 11.67 -12.63
C ILE B 23 7.17 12.97 -11.96
N GLU B 24 8.41 13.41 -12.22
CA GLU B 24 8.89 14.77 -11.87
C GLU B 24 7.88 15.81 -12.32
N ASN B 25 7.49 15.77 -13.60
CA ASN B 25 6.54 16.78 -14.08
C ASN B 25 5.20 16.68 -13.36
N VAL B 26 4.76 15.46 -13.11
CA VAL B 26 3.52 15.21 -12.37
C VAL B 26 3.63 15.79 -10.94
N LYS B 27 4.77 15.57 -10.28
CA LYS B 27 5.02 16.19 -8.97
C LYS B 27 5.01 17.73 -8.95
N ALA B 28 5.46 18.37 -10.03
CA ALA B 28 5.44 19.84 -10.13
C ALA B 28 4.00 20.35 -10.17
N LYS B 29 3.17 19.60 -10.91
CA LYS B 29 1.76 19.90 -11.04
C LYS B 29 1.09 19.79 -9.69
N ILE B 30 1.46 18.75 -8.92
CA ILE B 30 0.93 18.58 -7.57
C ILE B 30 1.42 19.69 -6.65
N GLN B 31 2.71 20.01 -6.72
CA GLN B 31 3.25 21.14 -5.96
C GLN B 31 2.54 22.46 -6.31
N ASP B 32 2.28 22.64 -7.61
CA ASP B 32 1.58 23.82 -8.10
C ASP B 32 0.22 23.99 -7.46
N LYS B 33 -0.45 22.88 -7.16
CA LYS B 33 -1.77 22.97 -6.53
C LYS B 33 -1.73 22.90 -5.01
N GLU B 34 -0.89 22.04 -4.45
CA GLU B 34 -0.97 21.73 -3.03
C GLU B 34 0.15 22.33 -2.21
N GLY B 35 1.20 22.82 -2.89
CA GLY B 35 2.37 23.40 -2.23
C GLY B 35 3.17 22.43 -1.38
N ILE B 36 3.13 21.16 -1.75
CA ILE B 36 3.98 20.15 -1.17
C ILE B 36 5.13 19.94 -2.16
N PRO B 37 6.38 20.12 -1.69
CA PRO B 37 7.56 19.89 -2.57
C PRO B 37 7.66 18.46 -3.10
N PRO B 38 8.10 18.31 -4.36
CA PRO B 38 8.28 17.00 -5.01
C PRO B 38 9.09 15.96 -4.19
N ASP B 39 10.17 16.41 -3.54
CA ASP B 39 11.03 15.52 -2.72
C ASP B 39 10.38 15.04 -1.44
N GLN B 40 9.19 15.56 -1.14
CA GLN B 40 8.41 15.09 0.02
C GLN B 40 7.35 14.09 -0.42
N GLN B 41 6.97 14.20 -1.71
CA GLN B 41 5.85 13.50 -2.32
C GLN B 41 6.18 12.07 -2.67
N ARG B 42 5.28 11.16 -2.34
CA ARG B 42 5.40 9.80 -2.79
C ARG B 42 4.05 9.51 -3.45
N LEU B 43 4.06 8.94 -4.65
CA LEU B 43 2.83 8.70 -5.40
C LEU B 43 2.60 7.21 -5.63
N ILE B 44 1.47 6.68 -5.19
CA ILE B 44 1.26 5.25 -5.27
C ILE B 44 0.16 4.92 -6.26
N PHE B 45 0.44 3.96 -7.14
CA PHE B 45 -0.55 3.50 -8.09
C PHE B 45 -0.38 2.02 -8.37
N ALA B 46 -1.47 1.26 -8.31
CA ALA B 46 -1.41 -0.21 -8.50
C ALA B 46 -0.23 -0.84 -7.72
N GLY B 47 0.01 -0.35 -6.51
CA GLY B 47 1.03 -0.88 -5.61
C GLY B 47 2.43 -0.38 -5.91
N LYS B 48 2.61 0.33 -7.01
CA LYS B 48 3.92 0.83 -7.35
C LYS B 48 4.11 2.26 -6.84
N GLN B 49 5.21 2.52 -6.15
CA GLN B 49 5.61 3.90 -5.92
C GLN B 49 6.27 4.43 -7.17
N LEU B 50 5.77 5.57 -7.65
CA LEU B 50 6.17 6.10 -8.95
C LEU B 50 7.53 6.79 -8.87
N GLU B 51 8.45 6.39 -9.74
CA GLU B 51 9.82 6.86 -9.67
C GLU B 51 10.17 7.91 -10.71
N ASP B 52 10.84 8.96 -10.27
CA ASP B 52 11.37 9.98 -11.16
C ASP B 52 12.30 9.39 -12.23
N GLY B 53 12.23 9.96 -13.42
CA GLY B 53 13.00 9.47 -14.56
C GLY B 53 12.15 8.55 -15.43
N ARG B 54 10.95 8.22 -14.97
CA ARG B 54 10.00 7.39 -15.75
C ARG B 54 8.77 8.22 -16.12
N THR B 55 7.97 7.71 -17.05
CA THR B 55 6.77 8.47 -17.46
C THR B 55 5.53 7.72 -17.02
N LEU B 56 4.38 8.39 -17.10
CA LEU B 56 3.10 7.76 -16.76
C LEU B 56 2.79 6.54 -17.61
N SER B 57 3.18 6.63 -18.89
CA SER B 57 3.13 5.54 -19.88
C SER B 57 3.84 4.28 -19.41
N ASP B 58 5.07 4.46 -18.90
CA ASP B 58 5.83 3.37 -18.27
C ASP B 58 4.94 2.60 -17.30
N TYR B 59 4.20 3.34 -16.48
CA TYR B 59 3.40 2.74 -15.43
C TYR B 59 2.01 2.28 -15.91
N ASN B 60 1.69 2.59 -17.16
CA ASN B 60 0.40 2.20 -17.78
C ASN B 60 -0.78 2.93 -17.12
N ILE B 61 -0.51 4.15 -16.69
CA ILE B 61 -1.51 5.01 -16.05
C ILE B 61 -2.44 5.63 -17.12
N GLN B 62 -3.71 5.21 -17.11
CA GLN B 62 -4.65 5.66 -18.12
C GLN B 62 -5.50 6.84 -17.63
N LYS B 63 -6.24 7.44 -18.54
CA LYS B 63 -7.29 8.37 -18.22
C LYS B 63 -8.07 8.03 -16.94
N GLU B 64 -8.17 8.99 -16.03
CA GLU B 64 -9.08 8.89 -14.87
C GLU B 64 -8.64 7.91 -13.77
N SER B 65 -7.41 7.40 -13.94
CA SER B 65 -6.72 6.67 -12.90
C SER B 65 -6.56 7.64 -11.77
N THR B 66 -6.38 7.10 -10.56
CA THR B 66 -6.06 7.88 -9.37
C THR B 66 -4.68 7.48 -8.81
N LEU B 67 -3.83 8.48 -8.59
CA LEU B 67 -2.59 8.33 -7.83
C LEU B 67 -2.91 8.64 -6.36
N HIS B 68 -2.21 7.98 -5.45
CA HIS B 68 -2.43 8.17 -4.01
C HIS B 68 -1.25 8.85 -3.43
N LEU B 69 -1.49 10.06 -2.91
CA LEU B 69 -0.40 10.88 -2.40
C LEU B 69 -0.11 10.58 -0.92
N VAL B 70 1.13 10.20 -0.63
CA VAL B 70 1.56 10.00 0.75
C VAL B 70 2.90 10.67 0.95
N LEU B 71 3.15 11.11 2.17
CA LEU B 71 4.47 11.61 2.53
C LEU B 71 5.20 10.51 3.34
N ARG B 72 5.98 10.89 4.34
CA ARG B 72 6.89 9.93 5.03
C ARG B 72 6.87 10.08 6.57
N LEU B 73 6.78 8.96 7.29
CA LEU B 73 7.15 8.95 8.70
C LEU B 73 8.49 8.25 8.84
N ARG B 74 9.57 9.03 8.83
N ARG B 74 9.58 9.02 8.84
CA ARG B 74 10.94 8.54 8.99
CA ARG B 74 10.91 8.45 8.99
C ARG B 74 11.17 7.96 10.40
C ARG B 74 11.17 7.94 10.40
N GLY B 75 11.89 6.84 10.48
CA GLY B 75 12.22 6.21 11.76
C GLY B 75 13.34 5.24 11.52
ZN ZN C . -21.27 14.83 -19.43
N NEH D . 13.82 5.15 12.70
CA NEH D . 14.97 4.24 12.83
CB NEH D . 14.68 3.10 13.77
#